data_1WYX
#
_entry.id   1WYX
#
_cell.length_a   38.071
_cell.length_b   56.193
_cell.length_c   37.924
_cell.angle_alpha   90.00
_cell.angle_beta   116.22
_cell.angle_gamma   90.00
#
_symmetry.space_group_name_H-M   'P 1 21 1'
#
loop_
_entity.id
_entity.type
_entity.pdbx_description
1 polymer 'CRK-associated substrate'
2 non-polymer 1,2-ETHANEDIOL
3 non-polymer 'MAGNESIUM ION'
4 water water
#
_entity_poly.entity_id   1
_entity_poly.type   'polypeptide(L)'
_entity_poly.pdbx_seq_one_letter_code
;HLNVLAKALYDNVAESPDELSFRKGDIMTVLEQDTQGLDGWWLCSLHGRQGIVPGNRLKILVGMYDKKP
;
_entity_poly.pdbx_strand_id   A,B
#
loop_
_chem_comp.id
_chem_comp.type
_chem_comp.name
_chem_comp.formula
EDO non-polymer 1,2-ETHANEDIOL 'C2 H6 O2'
MG non-polymer 'MAGNESIUM ION' 'Mg 2'
#
# COMPACT_ATOMS: atom_id res chain seq x y z
N LEU A 2 5.90 16.20 -23.57
CA LEU A 2 6.06 15.94 -22.10
C LEU A 2 5.15 14.80 -21.64
N ASN A 3 5.62 14.02 -20.66
CA ASN A 3 4.82 13.02 -19.93
C ASN A 3 4.33 13.62 -18.62
N VAL A 4 3.06 13.36 -18.33
CA VAL A 4 2.39 13.67 -17.10
C VAL A 4 3.04 13.03 -15.88
N LEU A 5 3.05 13.72 -14.75
CA LEU A 5 3.37 13.09 -13.46
C LEU A 5 2.08 12.89 -12.70
N ALA A 6 2.04 11.82 -11.90
CA ALA A 6 0.89 11.52 -11.08
C ALA A 6 1.36 11.03 -9.71
N LYS A 7 0.60 11.38 -8.68
CA LYS A 7 0.89 10.99 -7.33
C LYS A 7 -0.01 9.85 -6.87
N ALA A 8 0.57 8.89 -6.15
CA ALA A 8 -0.21 7.79 -5.59
C ALA A 8 -1.09 8.28 -4.44
N LEU A 9 -2.37 7.96 -4.52
CA LEU A 9 -3.31 8.27 -3.45
C LEU A 9 -3.37 7.17 -2.40
N TYR A 10 -2.81 6.02 -2.73
CA TYR A 10 -2.85 4.80 -1.92
C TYR A 10 -1.55 4.06 -2.08
N ASP A 11 -1.24 3.18 -1.14
CA ASP A 11 -0.23 2.16 -1.39
C ASP A 11 -0.84 1.14 -2.33
N ASN A 12 0.01 0.40 -3.02
CA ASN A 12 -0.45 -0.63 -3.94
C ASN A 12 0.48 -1.82 -3.94
N VAL A 13 -0.02 -2.95 -3.49
CA VAL A 13 0.71 -4.20 -3.51
C VAL A 13 0.53 -4.85 -4.88
N ALA A 14 1.64 -4.95 -5.63
CA ALA A 14 1.67 -5.68 -6.88
C ALA A 14 1.68 -7.16 -6.56
N GLU A 15 0.92 -7.91 -7.32
CA GLU A 15 0.93 -9.36 -7.16
C GLU A 15 1.50 -10.05 -8.38
N SER A 16 1.84 -9.29 -9.42
CA SER A 16 2.51 -9.83 -10.60
C SER A 16 3.56 -8.84 -11.10
N PRO A 17 4.62 -9.33 -11.76
CA PRO A 17 5.70 -8.44 -12.17
C PRO A 17 5.30 -7.34 -13.15
N ASP A 18 4.19 -7.46 -13.88
CA ASP A 18 3.75 -6.35 -14.74
C ASP A 18 3.31 -5.13 -13.97
N GLU A 19 2.85 -5.35 -12.75
CA GLU A 19 2.29 -4.28 -11.91
C GLU A 19 3.37 -3.64 -11.09
N LEU A 20 3.26 -2.34 -10.85
CA LEU A 20 4.15 -1.67 -9.91
C LEU A 20 3.58 -1.70 -8.52
N SER A 21 4.44 -1.94 -7.55
CA SER A 21 4.11 -1.66 -6.16
C SER A 21 4.59 -0.25 -5.84
N PHE A 22 3.83 0.43 -4.99
CA PHE A 22 4.15 1.79 -4.64
C PHE A 22 3.47 2.18 -3.35
N ARG A 23 3.87 3.33 -2.81
CA ARG A 23 3.38 3.84 -1.55
C ARG A 23 2.68 5.16 -1.79
N LYS A 24 1.65 5.42 -0.99
CA LYS A 24 0.96 6.70 -1.01
C LYS A 24 1.98 7.84 -0.98
N GLY A 25 1.80 8.80 -1.89
CA GLY A 25 2.70 9.93 -1.97
C GLY A 25 3.78 9.78 -3.03
N ASP A 26 4.05 8.56 -3.49
CA ASP A 26 5.01 8.38 -4.55
C ASP A 26 4.56 9.09 -5.82
N ILE A 27 5.51 9.66 -6.53
CA ILE A 27 5.23 10.33 -7.80
C ILE A 27 5.85 9.51 -8.92
N MET A 28 5.05 9.20 -9.92
CA MET A 28 5.49 8.43 -11.05
C MET A 28 5.15 9.12 -12.35
N THR A 29 5.90 8.74 -13.38
CA THR A 29 5.67 9.25 -14.71
C THR A 29 4.60 8.42 -15.38
N VAL A 30 3.64 9.08 -16.00
CA VAL A 30 2.61 8.41 -16.77
C VAL A 30 3.05 8.40 -18.23
N LEU A 31 3.41 7.23 -18.73
CA LEU A 31 3.82 7.10 -20.13
C LEU A 31 2.64 7.00 -21.08
N GLU A 32 1.61 6.26 -20.69
CA GLU A 32 0.45 6.06 -21.55
C GLU A 32 -0.76 5.71 -20.72
N GLN A 33 -1.81 6.50 -20.80
CA GLN A 33 -3.08 6.16 -20.19
C GLN A 33 -3.84 5.21 -21.10
N ASP A 34 -4.63 4.32 -20.49
CA ASP A 34 -5.33 3.28 -21.22
C ASP A 34 -4.39 2.55 -22.17
N THR A 35 -3.27 2.13 -21.60
CA THR A 35 -2.23 1.51 -22.41
C THR A 35 -2.76 0.22 -23.05
N GLN A 36 -2.43 0.04 -24.33
CA GLN A 36 -2.84 -1.14 -25.08
C GLN A 36 -4.36 -1.30 -25.11
N GLY A 37 -5.07 -0.19 -24.98
CA GLY A 37 -6.53 -0.19 -25.01
C GLY A 37 -7.18 -0.68 -23.74
N LEU A 38 -6.39 -0.88 -22.68
CA LEU A 38 -6.91 -1.36 -21.42
C LEU A 38 -7.52 -0.24 -20.60
N ASP A 39 -8.84 -0.25 -20.48
CA ASP A 39 -9.60 0.75 -19.74
C ASP A 39 -9.14 0.90 -18.30
N GLY A 40 -8.54 2.04 -17.98
CA GLY A 40 -8.17 2.38 -16.63
C GLY A 40 -6.82 1.84 -16.16
N TRP A 41 -6.07 1.21 -17.05
CA TRP A 41 -4.70 0.79 -16.76
C TRP A 41 -3.74 1.71 -17.49
N TRP A 42 -2.76 2.20 -16.76
CA TRP A 42 -1.80 3.14 -17.28
C TRP A 42 -0.40 2.55 -17.25
N LEU A 43 0.38 2.77 -18.30
CA LEU A 43 1.81 2.44 -18.30
C LEU A 43 2.54 3.57 -17.61
N CYS A 44 3.21 3.25 -16.51
CA CYS A 44 3.90 4.23 -15.69
C CYS A 44 5.34 3.81 -15.44
N SER A 45 6.15 4.78 -15.05
CA SER A 45 7.52 4.51 -14.62
C SER A 45 7.74 5.12 -13.24
N LEU A 46 8.19 4.29 -12.30
CA LEU A 46 8.48 4.73 -10.94
C LEU A 46 9.88 4.29 -10.59
N HIS A 47 10.74 5.26 -10.29
CA HIS A 47 12.14 5.00 -9.95
C HIS A 47 12.82 4.06 -10.98
N GLY A 48 12.52 4.29 -12.26
CA GLY A 48 13.16 3.56 -13.35
C GLY A 48 12.59 2.18 -13.67
N ARG A 49 11.44 1.84 -13.08
CA ARG A 49 10.77 0.60 -13.42
C ARG A 49 9.43 0.92 -14.04
N GLN A 50 9.20 0.31 -15.19
CA GLN A 50 7.93 0.43 -15.88
C GLN A 50 7.02 -0.73 -15.58
N GLY A 51 5.74 -0.41 -15.44
CA GLY A 51 4.70 -1.38 -15.27
C GLY A 51 3.34 -0.74 -15.42
N ILE A 52 2.30 -1.54 -15.28
CA ILE A 52 0.95 -1.03 -15.40
C ILE A 52 0.40 -0.76 -14.01
N VAL A 53 -0.43 0.27 -13.94
CA VAL A 53 -0.99 0.77 -12.68
C VAL A 53 -2.46 1.14 -12.92
N PRO A 54 -3.35 0.86 -11.98
CA PRO A 54 -4.73 1.38 -12.10
C PRO A 54 -4.76 2.89 -11.91
N GLY A 55 -5.25 3.59 -12.91
CA GLY A 55 -5.33 5.05 -12.84
C GLY A 55 -6.11 5.53 -11.64
N ASN A 56 -7.07 4.73 -11.18
CA ASN A 56 -7.89 5.12 -10.05
C ASN A 56 -7.15 5.13 -8.71
N ARG A 57 -5.87 4.74 -8.71
CA ARG A 57 -5.07 4.93 -7.51
C ARG A 57 -4.18 6.15 -7.57
N LEU A 58 -4.29 6.93 -8.64
CA LEU A 58 -3.40 8.05 -8.90
C LEU A 58 -4.15 9.36 -9.06
N LYS A 59 -3.43 10.44 -8.85
CA LYS A 59 -3.91 11.79 -9.07
C LYS A 59 -2.92 12.52 -9.98
N ILE A 60 -3.40 12.97 -11.13
CA ILE A 60 -2.59 13.74 -12.07
C ILE A 60 -2.17 15.05 -11.40
N LEU A 61 -0.89 15.38 -11.51
CA LEU A 61 -0.35 16.60 -10.91
C LEU A 61 -0.30 17.70 -11.94
N VAL A 62 -1.16 18.69 -11.77
CA VAL A 62 -1.28 19.78 -12.74
C VAL A 62 0.03 20.54 -12.90
N GLY A 63 0.44 20.70 -14.15
CA GLY A 63 1.61 21.47 -14.52
C GLY A 63 2.94 20.79 -14.25
N MET A 64 2.93 19.52 -13.83
CA MET A 64 4.16 18.82 -13.48
C MET A 64 4.40 17.73 -14.51
N TYR A 65 5.61 17.68 -15.05
CA TYR A 65 5.93 16.82 -16.17
C TYR A 65 7.30 16.19 -16.01
N ASP A 66 7.47 15.04 -16.64
CA ASP A 66 8.75 14.35 -16.62
C ASP A 66 9.43 14.62 -17.93
N LYS A 67 10.74 14.83 -17.85
CA LYS A 67 11.62 14.86 -19.00
C LYS A 67 12.92 14.15 -18.62
N LYS A 68 13.16 13.02 -19.26
CA LYS A 68 14.32 12.18 -18.99
C LYS A 68 15.63 12.93 -19.24
N PRO A 69 16.57 12.88 -18.29
CA PRO A 69 17.91 13.44 -18.50
C PRO A 69 18.62 12.85 -19.71
N HIS B 1 -5.36 -13.13 27.77
CA HIS B 1 -6.25 -14.15 27.16
C HIS B 1 -6.41 -13.95 25.64
N LEU B 2 -6.91 -12.79 25.24
CA LEU B 2 -7.35 -12.55 23.87
C LEU B 2 -6.69 -11.32 23.29
N ASN B 3 -6.32 -11.42 22.02
CA ASN B 3 -5.87 -10.29 21.22
C ASN B 3 -6.95 -9.85 20.26
N VAL B 4 -7.03 -8.53 20.08
CA VAL B 4 -7.85 -7.89 19.05
C VAL B 4 -7.48 -8.38 17.66
N LEU B 5 -8.50 -8.58 16.82
CA LEU B 5 -8.32 -8.81 15.40
C LEU B 5 -8.70 -7.53 14.67
N ALA B 6 -7.99 -7.25 13.57
CA ALA B 6 -8.22 -6.06 12.78
C ALA B 6 -8.17 -6.43 11.30
N LYS B 7 -8.95 -5.69 10.51
CA LYS B 7 -9.00 -5.90 9.07
C LYS B 7 -8.40 -4.67 8.37
N ALA B 8 -7.57 -4.94 7.38
CA ALA B 8 -6.97 -3.89 6.58
C ALA B 8 -8.01 -3.20 5.69
N LEU B 9 -8.04 -1.89 5.79
CA LEU B 9 -8.88 -1.01 4.95
C LEU B 9 -8.22 -0.64 3.64
N TYR B 10 -6.90 -0.82 3.58
CA TYR B 10 -6.06 -0.41 2.47
C TYR B 10 -4.92 -1.40 2.31
N ASP B 11 -4.29 -1.39 1.15
CA ASP B 11 -2.99 -2.03 0.97
C ASP B 11 -1.94 -1.29 1.78
N ASN B 12 -0.85 -1.99 2.08
CA ASN B 12 0.30 -1.41 2.75
C ASN B 12 1.56 -2.06 2.21
N VAL B 13 2.45 -1.26 1.63
CA VAL B 13 3.71 -1.72 1.08
C VAL B 13 4.81 -1.33 2.07
N ALA B 14 5.39 -2.33 2.72
CA ALA B 14 6.41 -2.11 3.75
C ALA B 14 7.53 -1.24 3.25
N GLU B 15 7.89 -0.24 4.05
CA GLU B 15 8.98 0.67 3.73
C GLU B 15 10.27 0.22 4.38
N SER B 16 10.19 -0.75 5.28
CA SER B 16 11.35 -1.33 5.95
C SER B 16 11.03 -2.78 6.33
N PRO B 17 12.03 -3.60 6.61
CA PRO B 17 11.77 -4.99 6.99
C PRO B 17 10.96 -5.16 8.30
N ASP B 18 10.93 -4.16 9.17
CA ASP B 18 10.12 -4.22 10.40
C ASP B 18 8.64 -4.03 10.19
N GLU B 19 8.26 -3.58 9.00
CA GLU B 19 6.87 -3.26 8.70
C GLU B 19 6.26 -4.42 7.91
N LEU B 20 5.00 -4.74 8.22
CA LEU B 20 4.28 -5.71 7.42
C LEU B 20 3.77 -5.10 6.12
N SER B 21 3.84 -5.88 5.05
CA SER B 21 3.06 -5.60 3.86
C SER B 21 1.75 -6.37 3.98
N PHE B 22 0.68 -5.79 3.46
CA PHE B 22 -0.60 -6.46 3.44
C PHE B 22 -1.49 -5.86 2.40
N ARG B 23 -2.58 -6.56 2.13
CA ARG B 23 -3.58 -6.10 1.19
C ARG B 23 -4.87 -5.76 1.87
N LYS B 24 -5.63 -4.85 1.25
CA LYS B 24 -6.97 -4.56 1.70
C LYS B 24 -7.75 -5.86 1.92
N GLY B 25 -8.40 -5.98 3.07
CA GLY B 25 -9.16 -7.15 3.40
C GLY B 25 -8.43 -8.16 4.28
N ASP B 26 -7.11 -8.08 4.36
CA ASP B 26 -6.38 -9.01 5.22
C ASP B 26 -6.79 -8.82 6.67
N ILE B 27 -6.84 -9.94 7.39
CA ILE B 27 -7.18 -9.94 8.80
C ILE B 27 -5.95 -10.34 9.60
N MET B 28 -5.58 -9.48 10.54
CA MET B 28 -4.37 -9.66 11.31
C MET B 28 -4.67 -9.55 12.80
N THR B 29 -3.79 -10.13 13.59
CA THR B 29 -3.84 -10.05 15.04
C THR B 29 -3.08 -8.83 15.52
N VAL B 30 -3.70 -8.07 16.41
CA VAL B 30 -3.05 -6.94 17.02
C VAL B 30 -2.36 -7.43 18.29
N LEU B 31 -1.03 -7.45 18.26
CA LEU B 31 -0.23 -7.83 19.42
C LEU B 31 -0.05 -6.69 20.40
N GLU B 32 0.20 -5.50 19.90
CA GLU B 32 0.45 -4.32 20.75
C GLU B 32 0.17 -3.04 19.98
N GLN B 33 -0.79 -2.25 20.45
CA GLN B 33 -0.99 -0.93 19.90
C GLN B 33 0.14 -0.02 20.38
N ASP B 34 0.55 0.91 19.52
CA ASP B 34 1.58 1.89 19.86
C ASP B 34 2.80 1.22 20.46
N THR B 35 3.30 0.24 19.72
CA THR B 35 4.40 -0.56 20.20
C THR B 35 5.71 0.24 20.32
N GLN B 36 6.46 -0.02 21.38
CA GLN B 36 7.86 0.44 21.46
C GLN B 36 8.01 1.96 21.26
N GLY B 37 7.07 2.70 21.85
CA GLY B 37 7.14 4.14 21.88
C GLY B 37 6.59 4.84 20.65
N LEU B 38 6.08 4.07 19.71
CA LEU B 38 5.54 4.65 18.50
C LEU B 38 4.11 5.12 18.75
N ASP B 39 3.75 6.19 18.07
CA ASP B 39 2.41 6.72 18.15
C ASP B 39 1.79 6.44 16.79
N GLY B 40 0.84 5.52 16.75
CA GLY B 40 0.13 5.22 15.53
C GLY B 40 0.62 3.98 14.81
N TRP B 41 1.63 3.30 15.36
CA TRP B 41 2.18 2.07 14.78
C TRP B 41 1.89 0.91 15.71
N TRP B 42 1.20 -0.10 15.17
CA TRP B 42 0.76 -1.26 15.93
C TRP B 42 1.56 -2.48 15.53
N LEU B 43 2.02 -3.27 16.50
CA LEU B 43 2.68 -4.53 16.23
C LEU B 43 1.62 -5.60 15.98
N CYS B 44 1.66 -6.21 14.79
CA CYS B 44 0.63 -7.15 14.37
C CYS B 44 1.27 -8.43 13.83
N SER B 45 0.44 -9.46 13.71
CA SER B 45 0.83 -10.75 13.16
C SER B 45 -0.18 -11.12 12.08
N LEU B 46 0.33 -11.53 10.93
CA LEU B 46 -0.48 -11.83 9.76
C LEU B 46 0.09 -13.07 9.09
N HIS B 47 -0.68 -14.15 9.10
CA HIS B 47 -0.27 -15.41 8.49
C HIS B 47 1.12 -15.81 8.92
N GLY B 48 1.43 -15.62 10.20
CA GLY B 48 2.68 -16.06 10.78
C GLY B 48 3.82 -15.05 10.73
N ARG B 49 3.66 -13.96 9.98
CA ARG B 49 4.65 -12.90 9.93
C ARG B 49 4.29 -11.82 10.93
N GLN B 50 5.29 -11.14 11.47
CA GLN B 50 5.10 -10.09 12.47
C GLN B 50 5.77 -8.81 11.99
N GLY B 51 5.15 -7.67 12.28
CA GLY B 51 5.72 -6.38 11.95
C GLY B 51 4.81 -5.27 12.39
N ILE B 52 5.28 -4.05 12.25
CA ILE B 52 4.47 -2.88 12.56
C ILE B 52 3.62 -2.47 11.38
N VAL B 53 2.51 -1.83 11.71
CA VAL B 53 1.47 -1.45 10.77
C VAL B 53 0.92 -0.09 11.19
N PRO B 54 0.60 0.80 10.25
CA PRO B 54 -0.10 2.02 10.64
C PRO B 54 -1.53 1.69 11.09
N GLY B 55 -1.84 2.02 12.34
CA GLY B 55 -3.13 1.74 12.90
C GLY B 55 -4.29 2.31 12.13
N ASN B 56 -4.07 3.48 11.53
CA ASN B 56 -5.13 4.15 10.80
C ASN B 56 -5.47 3.49 9.45
N ARG B 57 -4.76 2.44 9.07
CA ARG B 57 -5.12 1.64 7.91
C ARG B 57 -5.94 0.40 8.26
N LEU B 58 -6.33 0.28 9.52
CA LEU B 58 -7.07 -0.89 10.01
C LEU B 58 -8.42 -0.48 10.56
N LYS B 59 -9.34 -1.44 10.63
CA LYS B 59 -10.48 -1.34 11.53
C LYS B 59 -10.52 -2.54 12.45
N ILE B 60 -10.91 -2.31 13.68
CA ILE B 60 -11.07 -3.38 14.65
C ILE B 60 -12.24 -4.24 14.18
N LEU B 61 -12.06 -5.56 14.21
CA LEU B 61 -13.15 -6.49 13.92
C LEU B 61 -13.88 -6.72 15.22
N VAL B 62 -15.03 -6.05 15.38
CA VAL B 62 -15.71 -6.02 16.64
C VAL B 62 -16.18 -7.41 17.04
N GLY B 63 -15.84 -7.79 18.27
CA GLY B 63 -16.21 -9.05 18.83
C GLY B 63 -15.30 -10.21 18.49
N MET B 64 -14.32 -10.06 17.60
CA MET B 64 -13.54 -11.17 17.08
C MET B 64 -12.12 -11.11 17.62
N TYR B 65 -11.63 -12.25 18.11
CA TYR B 65 -10.38 -12.29 18.86
C TYR B 65 -9.55 -13.50 18.49
N ASP B 66 -8.26 -13.38 18.73
CA ASP B 66 -7.30 -14.44 18.50
C ASP B 66 -6.74 -14.77 19.88
N LYS B 67 -6.63 -16.05 20.19
CA LYS B 67 -6.01 -16.42 21.45
C LYS B 67 -4.56 -15.96 21.50
N LYS B 68 -4.14 -15.42 22.66
CA LYS B 68 -2.77 -14.95 22.86
C LYS B 68 -1.65 -15.97 22.60
N PRO B 69 -1.89 -17.26 22.75
CA PRO B 69 -1.03 -18.27 22.09
C PRO B 69 -1.15 -18.23 20.56
C1 EDO C . 7.59 0.62 -23.38
O1 EDO C . 8.13 1.77 -22.73
C2 EDO C . 7.84 -0.65 -22.56
O2 EDO C . 7.01 -0.76 -21.40
MG MG D . 3.84 3.61 4.35
#